data_6ZG9
#
_entry.id   6ZG9
#
_cell.length_a   62.363
_cell.length_b   66.571
_cell.length_c   153.102
_cell.angle_alpha   90.000
_cell.angle_beta   90.000
_cell.angle_gamma   90.000
#
_symmetry.space_group_name_H-M   'P 21 21 21'
#
loop_
_entity.id
_entity.type
_entity.pdbx_description
1 polymer 'Muscarinic acetylcholine receptor M1,Endolysin,Muscarinic acetylcholine receptor M1'
2 non-polymer 7-fluoranyl-5-methyl-3-[1-(oxan-4-yl)piperidin-4-yl]-1~{H}-benzimidazol-2-one
3 non-polymer '4-(2-HYDROXYETHYL)-1-PIPERAZINE ETHANESULFONIC ACID'
4 non-polymer 'OLEIC ACID'
5 non-polymer 'PHOSPHATE ION'
6 water water
#
_entity_poly.entity_id   1
_entity_poly.type   'polypeptide(L)'
_entity_poly.pdbx_seq_one_letter_code
;METVEMVAIATVAGLLSLATVTGNILLMLSIKVNRQLQTVNNYFAFSLACADLIIGAFSMNLYTVYIIMGHWALGALACD
LALALDYVASNAAVMNLLLISFDRYFSVTRPLSYRAKRTPRRALLMIGLAWLVSFVLWAPAILFWQYLVGERTVLAGQCY
IQFLSQPIITFGTAMATFYLPVTVMCTLYWRIYRETENRANIFEMLRIDEGLRLKIYKDTEGYYTIGIGHLLTKSPSLNA
AKSELDKAIGRNTNGVITKDEAEKLFNQDVDAAVRGILRNAKLKPVYDSLDAVRRAALINMVFQMGETGVAGFTNSLRML
QQKRWDEAAVNLAKSRWYNQTPNRAKRVITTFRTGTWDAYTFSLVKEKAALRTLSAILLAFILTWTPYNIMVLVSTFCKD
CVPETLWELGYWLCYVNATINPMCYALCNKAFRDTFRLLLLARWDHHHHHHHHHH
;
_entity_poly.pdbx_strand_id   A
#
loop_
_chem_comp.id
_chem_comp.type
_chem_comp.name
_chem_comp.formula
EPE non-polymer '4-(2-HYDROXYETHYL)-1-PIPERAZINE ETHANESULFONIC ACID' 'C8 H18 N2 O4 S'
OLA non-polymer 'OLEIC ACID' 'C18 H34 O2'
PO4 non-polymer 'PHOSPHATE ION' 'O4 P -3'
QK2 non-polymer 7-fluoranyl-5-methyl-3-[1-(oxan-4-yl)piperidin-4-yl]-1~{H}-benzimidazol-2-one 'C18 H24 F N3 O2'
#
# COMPACT_ATOMS: atom_id res chain seq x y z
N MET A 1 17.36 -37.96 -15.92
CA MET A 1 18.16 -36.89 -16.51
C MET A 1 19.68 -37.08 -16.23
N GLU A 2 20.54 -36.36 -17.01
CA GLU A 2 21.99 -36.44 -16.88
C GLU A 2 22.51 -35.92 -15.53
N THR A 3 23.62 -36.52 -15.05
CA THR A 3 24.30 -36.21 -13.78
C THR A 3 24.78 -34.75 -13.76
N VAL A 4 25.20 -34.21 -14.93
CA VAL A 4 25.66 -32.82 -15.10
C VAL A 4 24.46 -31.85 -14.93
N GLU A 5 23.28 -32.24 -15.47
CA GLU A 5 22.04 -31.45 -15.35
C GLU A 5 21.53 -31.43 -13.91
N MET A 6 21.67 -32.57 -13.18
CA MET A 6 21.23 -32.69 -11.78
C MET A 6 21.99 -31.74 -10.86
N VAL A 7 23.32 -31.63 -11.03
CA VAL A 7 24.21 -30.77 -10.26
C VAL A 7 23.92 -29.28 -10.55
N ALA A 8 23.81 -28.92 -11.84
CA ALA A 8 23.55 -27.54 -12.27
C ALA A 8 22.20 -26.97 -11.78
N ILE A 9 21.09 -27.75 -11.88
CA ILE A 9 19.76 -27.34 -11.44
C ILE A 9 19.70 -27.23 -9.90
N ALA A 10 20.27 -28.21 -9.18
CA ALA A 10 20.32 -28.26 -7.71
C ALA A 10 21.05 -27.06 -7.09
N THR A 11 22.13 -26.60 -7.76
CA THR A 11 22.94 -25.46 -7.34
C THR A 11 22.15 -24.16 -7.50
N VAL A 12 21.56 -23.92 -8.70
CA VAL A 12 20.77 -22.72 -9.02
C VAL A 12 19.52 -22.63 -8.14
N ALA A 13 18.74 -23.72 -8.03
CA ALA A 13 17.54 -23.76 -7.19
C ALA A 13 17.90 -23.63 -5.69
N GLY A 14 19.02 -24.23 -5.29
CA GLY A 14 19.55 -24.20 -3.94
C GLY A 14 19.96 -22.81 -3.50
N LEU A 15 20.67 -22.08 -4.39
CA LEU A 15 21.12 -20.71 -4.15
C LEU A 15 19.92 -19.74 -4.10
N LEU A 16 18.91 -19.98 -4.95
CA LEU A 16 17.68 -19.21 -5.01
C LEU A 16 16.89 -19.39 -3.72
N SER A 17 16.82 -20.63 -3.20
CA SER A 17 16.14 -20.96 -1.94
C SER A 17 16.85 -20.27 -0.77
N LEU A 18 18.20 -20.31 -0.75
CA LEU A 18 19.05 -19.71 0.25
C LEU A 18 18.83 -18.19 0.28
N ALA A 19 18.70 -17.54 -0.90
CA ALA A 19 18.44 -16.09 -1.03
C ALA A 19 17.02 -15.73 -0.56
N THR A 20 16.03 -16.64 -0.74
CA THR A 20 14.63 -16.47 -0.34
C THR A 20 14.45 -16.61 1.17
N VAL A 21 15.03 -17.67 1.75
CA VAL A 21 14.95 -17.91 3.19
C VAL A 21 15.70 -16.80 3.97
N THR A 22 16.89 -16.36 3.47
CA THR A 22 17.69 -15.31 4.10
C THR A 22 16.96 -13.95 4.07
N GLY A 23 16.51 -13.54 2.89
CA GLY A 23 15.82 -12.27 2.67
C GLY A 23 14.54 -12.08 3.46
N ASN A 24 13.69 -13.12 3.56
CA ASN A 24 12.44 -13.02 4.31
C ASN A 24 12.64 -13.10 5.82
N ILE A 25 13.71 -13.81 6.27
CA ILE A 25 14.09 -13.87 7.69
C ILE A 25 14.60 -12.48 8.11
N LEU A 26 15.43 -11.85 7.25
CA LEU A 26 15.97 -10.50 7.43
C LEU A 26 14.84 -9.48 7.52
N LEU A 27 13.79 -9.66 6.71
CA LEU A 27 12.63 -8.77 6.68
C LEU A 27 11.84 -8.90 7.99
N MET A 28 11.63 -10.16 8.47
CA MET A 28 10.91 -10.48 9.70
C MET A 28 11.66 -9.99 10.95
N LEU A 29 12.97 -10.26 11.02
CA LEU A 29 13.83 -9.82 12.11
C LEU A 29 13.97 -8.30 12.18
N SER A 30 13.94 -7.61 11.00
CA SER A 30 14.04 -6.14 10.90
C SER A 30 12.90 -5.43 11.64
N ILE A 31 11.65 -5.89 11.41
CA ILE A 31 10.45 -5.37 12.05
C ILE A 31 10.49 -5.69 13.56
N LYS A 32 11.01 -6.88 13.92
CA LYS A 32 11.19 -7.36 15.29
C LYS A 32 12.22 -6.51 16.11
N VAL A 33 13.43 -6.28 15.56
CA VAL A 33 14.56 -5.58 16.19
C VAL A 33 14.45 -4.02 16.14
N ASN A 34 13.89 -3.46 15.06
CA ASN A 34 13.74 -2.01 14.91
C ASN A 34 12.33 -1.56 15.30
N ARG A 35 12.22 -0.57 16.21
CA ARG A 35 10.95 0.00 16.69
C ARG A 35 10.32 0.94 15.65
N GLN A 36 11.13 1.69 14.86
CA GLN A 36 10.66 2.60 13.82
C GLN A 36 10.00 1.85 12.65
N LEU A 37 10.28 0.53 12.52
CA LEU A 37 9.71 -0.34 11.51
C LEU A 37 8.44 -1.01 12.00
N GLN A 38 8.13 -0.88 13.31
CA GLN A 38 6.95 -1.48 13.92
C GLN A 38 5.65 -0.68 13.66
N THR A 39 5.34 -0.46 12.38
CA THR A 39 4.15 0.26 11.93
C THR A 39 3.06 -0.76 11.49
N VAL A 40 1.77 -0.35 11.57
CA VAL A 40 0.58 -1.13 11.16
C VAL A 40 0.74 -1.73 9.74
N ASN A 41 1.26 -0.96 8.77
CA ASN A 41 1.44 -1.50 7.41
C ASN A 41 2.55 -2.57 7.34
N ASN A 42 3.56 -2.49 8.24
CA ASN A 42 4.66 -3.46 8.28
C ASN A 42 4.26 -4.79 8.94
N TYR A 43 3.07 -4.84 9.56
CA TYR A 43 2.49 -6.06 10.11
C TYR A 43 2.11 -6.97 8.88
N PHE A 44 1.60 -6.34 7.80
CA PHE A 44 1.21 -7.03 6.58
C PHE A 44 2.45 -7.47 5.83
N ALA A 45 3.54 -6.70 5.92
CA ALA A 45 4.83 -7.02 5.29
C ALA A 45 5.42 -8.26 6.00
N PHE A 46 5.25 -8.36 7.34
CA PHE A 46 5.71 -9.49 8.16
C PHE A 46 4.91 -10.76 7.79
N SER A 47 3.59 -10.60 7.61
CA SER A 47 2.65 -11.63 7.18
C SER A 47 3.02 -12.16 5.77
N LEU A 48 3.37 -11.25 4.83
CA LEU A 48 3.80 -11.55 3.47
C LEU A 48 5.14 -12.30 3.50
N ALA A 49 6.08 -11.90 4.41
CA ALA A 49 7.39 -12.52 4.60
C ALA A 49 7.27 -13.96 5.13
N CYS A 50 6.21 -14.25 5.92
CA CYS A 50 5.90 -15.56 6.48
C CYS A 50 5.51 -16.54 5.36
N ALA A 51 4.65 -16.07 4.42
CA ALA A 51 4.18 -16.82 3.26
C ALA A 51 5.36 -17.08 2.32
N ASP A 52 6.25 -16.08 2.18
CA ASP A 52 7.43 -16.18 1.30
C ASP A 52 8.51 -17.10 1.88
N LEU A 53 8.55 -17.24 3.22
CA LEU A 53 9.48 -18.11 3.94
C LEU A 53 9.12 -19.59 3.68
N ILE A 54 7.80 -19.94 3.65
CA ILE A 54 7.28 -21.29 3.35
C ILE A 54 7.65 -21.66 1.90
N ILE A 55 7.44 -20.69 0.98
CA ILE A 55 7.75 -20.85 -0.44
C ILE A 55 9.25 -21.12 -0.65
N GLY A 56 10.09 -20.38 0.08
CA GLY A 56 11.54 -20.52 0.01
C GLY A 56 12.09 -21.81 0.59
N ALA A 57 11.72 -22.11 1.86
CA ALA A 57 12.18 -23.29 2.59
C ALA A 57 11.50 -24.58 2.17
N PHE A 58 10.16 -24.57 2.03
CA PHE A 58 9.41 -25.78 1.71
C PHE A 58 9.17 -25.96 0.21
N SER A 59 8.24 -25.19 -0.38
CA SER A 59 7.81 -25.26 -1.77
C SER A 59 8.94 -25.39 -2.78
N MET A 60 9.90 -24.45 -2.76
CA MET A 60 11.06 -24.40 -3.67
C MET A 60 11.89 -25.66 -3.63
N ASN A 61 12.33 -26.05 -2.42
CA ASN A 61 13.19 -27.20 -2.21
C ASN A 61 12.55 -28.50 -2.56
N LEU A 62 11.29 -28.70 -2.13
CA LEU A 62 10.52 -29.91 -2.38
C LEU A 62 10.13 -30.06 -3.86
N TYR A 63 9.84 -28.93 -4.55
CA TYR A 63 9.48 -28.96 -5.97
C TYR A 63 10.68 -29.28 -6.82
N THR A 64 11.88 -28.82 -6.42
CA THR A 64 13.14 -29.08 -7.13
C THR A 64 13.55 -30.54 -7.04
N VAL A 65 13.37 -31.17 -5.86
CA VAL A 65 13.66 -32.58 -5.64
C VAL A 65 12.73 -33.40 -6.54
N TYR A 66 11.45 -32.99 -6.65
CA TYR A 66 10.44 -33.65 -7.47
C TYR A 66 10.83 -33.67 -8.96
N ILE A 67 11.41 -32.56 -9.46
CA ILE A 67 11.84 -32.41 -10.85
C ILE A 67 13.12 -33.21 -11.13
N ILE A 68 14.12 -33.09 -10.22
CA ILE A 68 15.41 -33.79 -10.30
C ILE A 68 15.23 -35.34 -10.25
N MET A 69 14.45 -35.85 -9.25
CA MET A 69 14.16 -37.27 -9.07
C MET A 69 13.25 -37.79 -10.16
N GLY A 70 12.50 -36.89 -10.78
CA GLY A 70 11.59 -37.18 -11.87
C GLY A 70 10.31 -37.86 -11.45
N HIS A 71 10.13 -38.05 -10.14
CA HIS A 71 8.94 -38.69 -9.59
C HIS A 71 8.77 -38.34 -8.12
N TRP A 72 7.56 -38.61 -7.59
CA TRP A 72 7.19 -38.37 -6.21
C TRP A 72 7.24 -39.70 -5.46
N ALA A 73 8.09 -39.78 -4.43
CA ALA A 73 8.31 -41.02 -3.69
C ALA A 73 7.73 -41.06 -2.27
N LEU A 74 7.17 -39.93 -1.79
CA LEU A 74 6.64 -39.77 -0.43
C LEU A 74 5.18 -40.25 -0.20
N GLY A 75 4.48 -40.64 -1.28
CA GLY A 75 3.10 -41.12 -1.19
C GLY A 75 2.04 -40.09 -1.52
N ALA A 76 0.81 -40.57 -1.79
CA ALA A 76 -0.35 -39.76 -2.17
C ALA A 76 -0.83 -38.84 -1.06
N LEU A 77 -0.69 -39.25 0.21
CA LEU A 77 -1.14 -38.37 1.29
C LEU A 77 -0.18 -37.20 1.53
N ALA A 78 1.14 -37.46 1.51
CA ALA A 78 2.19 -36.47 1.65
C ALA A 78 2.15 -35.48 0.49
N CYS A 79 1.74 -35.96 -0.68
CA CYS A 79 1.62 -35.21 -1.94
C CYS A 79 0.55 -34.12 -1.85
N ASP A 80 -0.71 -34.53 -1.52
CA ASP A 80 -1.86 -33.63 -1.41
C ASP A 80 -1.68 -32.60 -0.33
N LEU A 81 -0.97 -32.98 0.78
CA LEU A 81 -0.66 -32.08 1.88
C LEU A 81 0.39 -31.04 1.44
N ALA A 82 1.40 -31.50 0.72
CA ALA A 82 2.48 -30.70 0.17
C ALA A 82 1.93 -29.65 -0.78
N LEU A 83 0.97 -30.06 -1.66
CA LEU A 83 0.30 -29.20 -2.62
C LEU A 83 -0.60 -28.22 -1.92
N ALA A 84 -1.26 -28.64 -0.82
CA ALA A 84 -2.13 -27.78 0.00
C ALA A 84 -1.32 -26.67 0.67
N LEU A 85 -0.16 -27.02 1.27
CA LEU A 85 0.73 -26.06 1.92
C LEU A 85 1.27 -25.06 0.91
N ASP A 86 1.59 -25.55 -0.27
CA ASP A 86 2.11 -24.78 -1.37
C ASP A 86 1.13 -23.71 -1.90
N TYR A 87 -0.10 -24.11 -2.18
CA TYR A 87 -1.14 -23.27 -2.77
C TYR A 87 -1.72 -22.24 -1.79
N VAL A 88 -1.82 -22.62 -0.52
CA VAL A 88 -2.36 -21.75 0.51
C VAL A 88 -1.35 -20.63 0.82
N ALA A 89 -0.03 -20.94 0.86
CA ALA A 89 1.04 -19.96 1.11
C ALA A 89 1.21 -18.99 -0.06
N SER A 90 1.07 -19.49 -1.30
CA SER A 90 1.14 -18.73 -2.54
C SER A 90 -0.03 -17.76 -2.64
N ASN A 91 -1.24 -18.20 -2.23
CA ASN A 91 -2.44 -17.35 -2.24
C ASN A 91 -2.39 -16.36 -1.09
N ALA A 92 -1.82 -16.76 0.07
CA ALA A 92 -1.69 -15.90 1.26
C ALA A 92 -0.83 -14.70 0.98
N ALA A 93 0.19 -14.87 0.12
CA ALA A 93 1.07 -13.81 -0.33
C ALA A 93 0.28 -12.78 -1.17
N VAL A 94 -0.59 -13.24 -2.11
CA VAL A 94 -1.47 -12.40 -2.96
C VAL A 94 -2.47 -11.62 -2.07
N MET A 95 -3.05 -12.30 -1.06
CA MET A 95 -4.01 -11.72 -0.10
C MET A 95 -3.36 -10.65 0.75
N ASN A 96 -2.07 -10.85 1.12
CA ASN A 96 -1.27 -9.90 1.91
C ASN A 96 -0.93 -8.67 1.09
N LEU A 97 -0.71 -8.84 -0.23
CA LEU A 97 -0.42 -7.73 -1.15
C LEU A 97 -1.68 -6.87 -1.25
N LEU A 98 -2.86 -7.53 -1.29
CA LEU A 98 -4.16 -6.86 -1.31
C LEU A 98 -4.37 -6.08 0.00
N LEU A 99 -3.95 -6.67 1.14
CA LEU A 99 -4.03 -6.00 2.45
C LEU A 99 -3.12 -4.76 2.48
N ILE A 100 -1.89 -4.86 1.96
CA ILE A 100 -0.94 -3.73 1.91
C ILE A 100 -1.55 -2.61 1.04
N SER A 101 -2.13 -2.98 -0.15
CA SER A 101 -2.74 -2.05 -1.10
C SER A 101 -3.95 -1.34 -0.53
N PHE A 102 -4.89 -2.08 0.15
CA PHE A 102 -6.09 -1.49 0.75
C PHE A 102 -5.78 -0.58 1.95
N ASP A 103 -4.83 -0.99 2.79
CA ASP A 103 -4.39 -0.21 3.94
C ASP A 103 -3.78 1.11 3.48
N ARG A 104 -2.92 1.07 2.45
CA ARG A 104 -2.30 2.25 1.84
C ARG A 104 -3.35 3.12 1.18
N TYR A 105 -4.42 2.50 0.63
CA TYR A 105 -5.52 3.19 -0.04
C TYR A 105 -6.34 3.98 0.94
N PHE A 106 -6.82 3.33 2.01
CA PHE A 106 -7.67 3.98 3.02
C PHE A 106 -6.93 4.97 3.91
N SER A 107 -5.62 4.78 4.16
CA SER A 107 -4.82 5.71 4.96
C SER A 107 -4.50 7.02 4.20
N VAL A 108 -4.51 6.99 2.87
CA VAL A 108 -4.23 8.16 2.04
C VAL A 108 -5.54 8.88 1.72
N THR A 109 -6.58 8.15 1.28
CA THR A 109 -7.89 8.69 0.90
C THR A 109 -8.69 9.15 2.11
N ARG A 110 -8.60 8.40 3.21
CA ARG A 110 -9.32 8.72 4.46
C ARG A 110 -8.36 8.81 5.69
N PRO A 111 -7.44 9.84 5.78
CA PRO A 111 -6.55 9.98 6.96
C PRO A 111 -7.25 10.23 8.30
N LEU A 112 -8.56 10.57 8.31
CA LEU A 112 -9.29 10.87 9.54
C LEU A 112 -10.09 9.70 10.08
N SER A 113 -10.99 9.15 9.24
CA SER A 113 -11.86 8.02 9.56
C SER A 113 -11.11 6.71 9.67
N TYR A 114 -10.21 6.44 8.71
CA TYR A 114 -9.48 5.16 8.70
C TYR A 114 -8.42 5.05 9.78
N ARG A 115 -7.79 6.16 10.20
CA ARG A 115 -6.75 6.09 11.23
C ARG A 115 -7.32 5.92 12.67
N ALA A 116 -8.66 5.96 12.82
CA ALA A 116 -9.34 5.65 14.08
C ALA A 116 -9.31 4.12 14.19
N LYS A 117 -9.50 3.42 13.04
CA LYS A 117 -9.50 1.95 12.88
C LYS A 117 -8.09 1.40 12.62
N ARG A 118 -7.08 2.25 12.35
CA ARG A 118 -5.74 1.77 12.04
C ARG A 118 -4.90 1.55 13.30
N THR A 119 -5.25 0.49 14.03
CA THR A 119 -4.58 0.02 15.25
C THR A 119 -3.88 -1.33 14.88
N PRO A 120 -2.83 -1.79 15.63
CA PRO A 120 -2.19 -3.09 15.31
C PRO A 120 -3.11 -4.32 15.46
N ARG A 121 -4.11 -4.21 16.36
CA ARG A 121 -5.13 -5.22 16.66
C ARG A 121 -5.99 -5.54 15.43
N ARG A 122 -6.44 -4.49 14.70
CA ARG A 122 -7.24 -4.65 13.48
C ARG A 122 -6.38 -5.20 12.35
N ALA A 123 -5.06 -4.90 12.33
CA ALA A 123 -4.10 -5.41 11.33
C ALA A 123 -3.96 -6.92 11.52
N LEU A 124 -3.87 -7.38 12.79
CA LEU A 124 -3.77 -8.80 13.15
C LEU A 124 -5.05 -9.57 12.81
N LEU A 125 -6.23 -8.91 12.90
CA LEU A 125 -7.53 -9.50 12.55
C LEU A 125 -7.61 -9.76 11.05
N MET A 126 -7.21 -8.76 10.23
CA MET A 126 -7.19 -8.82 8.77
C MET A 126 -6.16 -9.81 8.24
N ILE A 127 -5.01 -9.97 8.92
CA ILE A 127 -3.95 -10.90 8.55
C ILE A 127 -4.44 -12.34 8.69
N GLY A 128 -5.03 -12.66 9.84
CA GLY A 128 -5.56 -13.99 10.17
C GLY A 128 -6.67 -14.43 9.24
N LEU A 129 -7.61 -13.51 8.91
CA LEU A 129 -8.72 -13.77 7.98
C LEU A 129 -8.20 -14.00 6.58
N ALA A 130 -7.15 -13.28 6.18
CA ALA A 130 -6.53 -13.46 4.87
C ALA A 130 -5.89 -14.85 4.70
N TRP A 131 -5.25 -15.36 5.75
CA TRP A 131 -4.61 -16.68 5.78
C TRP A 131 -5.65 -17.79 5.86
N LEU A 132 -6.75 -17.52 6.59
CA LEU A 132 -7.85 -18.44 6.80
C LEU A 132 -8.68 -18.59 5.54
N VAL A 133 -8.95 -17.47 4.81
CA VAL A 133 -9.68 -17.47 3.52
C VAL A 133 -8.88 -18.22 2.46
N SER A 134 -7.53 -18.04 2.45
CA SER A 134 -6.63 -18.74 1.52
C SER A 134 -6.72 -20.27 1.72
N PHE A 135 -6.79 -20.68 3.00
CA PHE A 135 -6.90 -22.07 3.43
C PHE A 135 -8.26 -22.69 3.07
N VAL A 136 -9.36 -22.03 3.47
CA VAL A 136 -10.74 -22.45 3.25
C VAL A 136 -11.08 -22.55 1.77
N LEU A 137 -10.46 -21.70 0.95
CA LEU A 137 -10.70 -21.70 -0.49
C LEU A 137 -9.94 -22.74 -1.27
N TRP A 138 -8.66 -22.99 -0.95
CA TRP A 138 -7.83 -23.90 -1.75
C TRP A 138 -7.58 -25.29 -1.17
N ALA A 139 -7.29 -25.41 0.14
CA ALA A 139 -7.05 -26.71 0.78
C ALA A 139 -8.21 -27.73 0.64
N PRO A 140 -9.52 -27.42 0.86
CA PRO A 140 -10.54 -28.47 0.69
C PRO A 140 -10.62 -29.06 -0.71
N ALA A 141 -10.48 -28.22 -1.75
CA ALA A 141 -10.53 -28.68 -3.13
C ALA A 141 -9.30 -29.49 -3.52
N ILE A 142 -8.10 -29.13 -2.99
CA ILE A 142 -6.85 -29.87 -3.27
C ILE A 142 -6.91 -31.33 -2.73
N LEU A 143 -7.35 -31.51 -1.48
CA LEU A 143 -7.41 -32.80 -0.82
C LEU A 143 -8.61 -33.68 -1.19
N PHE A 144 -9.80 -33.06 -1.39
CA PHE A 144 -11.04 -33.82 -1.58
C PHE A 144 -11.61 -33.89 -2.99
N TRP A 145 -10.90 -33.34 -4.00
CA TRP A 145 -11.38 -33.41 -5.38
C TRP A 145 -11.56 -34.87 -5.87
N GLN A 146 -10.58 -35.73 -5.54
CA GLN A 146 -10.54 -37.14 -5.87
C GLN A 146 -11.77 -37.89 -5.34
N TYR A 147 -12.30 -37.47 -4.19
CA TYR A 147 -13.48 -38.08 -3.55
C TYR A 147 -14.79 -37.61 -4.20
N LEU A 148 -14.81 -36.34 -4.68
CA LEU A 148 -15.97 -35.74 -5.33
C LEU A 148 -16.08 -36.24 -6.77
N VAL A 149 -14.93 -36.44 -7.46
CA VAL A 149 -14.84 -36.99 -8.82
C VAL A 149 -15.17 -38.49 -8.77
N GLY A 150 -14.63 -39.17 -7.75
CA GLY A 150 -14.84 -40.58 -7.51
C GLY A 150 -13.60 -41.43 -7.73
N GLU A 151 -12.48 -40.77 -8.17
CA GLU A 151 -11.18 -41.39 -8.47
C GLU A 151 -10.02 -40.40 -8.33
N ARG A 152 -8.85 -40.91 -7.96
CA ARG A 152 -7.60 -40.16 -7.91
C ARG A 152 -6.97 -40.45 -9.28
N THR A 153 -6.95 -39.42 -10.16
CA THR A 153 -6.46 -39.55 -11.54
C THR A 153 -4.96 -39.27 -11.64
N VAL A 154 -4.35 -38.78 -10.55
CA VAL A 154 -2.91 -38.53 -10.43
C VAL A 154 -2.27 -39.92 -10.16
N LEU A 155 -1.36 -40.36 -11.03
CA LEU A 155 -0.72 -41.67 -10.86
C LEU A 155 0.25 -41.72 -9.69
N ALA A 156 0.56 -42.94 -9.19
CA ALA A 156 1.56 -43.07 -8.13
C ALA A 156 2.93 -42.64 -8.74
N GLY A 157 3.68 -41.81 -8.00
CA GLY A 157 4.95 -41.28 -8.51
C GLY A 157 4.73 -39.95 -9.20
N GLN A 158 3.50 -39.46 -9.17
CA GLN A 158 3.11 -38.16 -9.73
C GLN A 158 2.50 -37.34 -8.61
N CYS A 159 2.79 -36.02 -8.63
CA CYS A 159 2.23 -35.07 -7.69
C CYS A 159 1.88 -33.78 -8.37
N TYR A 160 0.58 -33.50 -8.51
CA TYR A 160 0.03 -32.30 -9.12
C TYR A 160 -1.40 -32.11 -8.69
N ILE A 161 -1.98 -30.90 -8.92
CA ILE A 161 -3.36 -30.60 -8.55
C ILE A 161 -4.34 -31.22 -9.55
N GLN A 162 -5.23 -32.09 -9.03
CA GLN A 162 -6.22 -32.80 -9.79
C GLN A 162 -7.31 -31.91 -10.37
N PHE A 163 -7.87 -30.92 -9.60
CA PHE A 163 -8.94 -30.07 -10.13
C PHE A 163 -8.46 -29.07 -11.21
N LEU A 164 -7.15 -28.78 -11.26
CA LEU A 164 -6.56 -27.88 -12.26
C LEU A 164 -6.24 -28.64 -13.56
N SER A 165 -6.86 -29.82 -13.79
CA SER A 165 -6.62 -30.63 -14.97
CA SER A 165 -6.60 -30.60 -14.99
C SER A 165 -7.17 -29.96 -16.25
N GLN A 166 -8.45 -29.53 -16.21
CA GLN A 166 -9.07 -28.88 -17.38
C GLN A 166 -8.59 -27.43 -17.48
N PRO A 167 -8.18 -26.92 -18.68
CA PRO A 167 -7.67 -25.53 -18.76
C PRO A 167 -8.63 -24.40 -18.39
N ILE A 168 -9.97 -24.61 -18.55
CA ILE A 168 -10.98 -23.60 -18.19
C ILE A 168 -11.04 -23.36 -16.66
N ILE A 169 -10.88 -24.43 -15.84
CA ILE A 169 -10.86 -24.31 -14.37
C ILE A 169 -9.54 -23.65 -13.95
N THR A 170 -8.44 -23.91 -14.69
CA THR A 170 -7.11 -23.32 -14.46
C THR A 170 -7.21 -21.81 -14.72
N PHE A 171 -7.98 -21.43 -15.74
CA PHE A 171 -8.25 -20.05 -16.12
C PHE A 171 -9.13 -19.38 -15.07
N GLY A 172 -10.06 -20.13 -14.51
CA GLY A 172 -10.95 -19.66 -13.46
C GLY A 172 -10.18 -19.29 -12.21
N THR A 173 -9.20 -20.14 -11.83
CA THR A 173 -8.32 -19.89 -10.67
C THR A 173 -7.35 -18.76 -10.96
N ALA A 174 -6.88 -18.64 -12.22
CA ALA A 174 -5.99 -17.57 -12.69
C ALA A 174 -6.65 -16.19 -12.60
N MET A 175 -7.98 -16.13 -12.86
CA MET A 175 -8.78 -14.90 -12.78
C MET A 175 -8.86 -14.47 -11.31
N ALA A 176 -9.12 -15.42 -10.41
CA ALA A 176 -9.25 -15.19 -8.98
C ALA A 176 -7.93 -14.92 -8.27
N THR A 177 -6.80 -15.50 -8.72
CA THR A 177 -5.50 -15.36 -8.07
C THR A 177 -4.52 -14.37 -8.73
N PHE A 178 -4.79 -13.95 -9.99
CA PHE A 178 -3.91 -13.02 -10.69
C PHE A 178 -4.63 -11.86 -11.36
N TYR A 179 -5.46 -12.12 -12.40
CA TYR A 179 -6.14 -11.10 -13.20
C TYR A 179 -7.04 -10.16 -12.40
N LEU A 180 -7.90 -10.67 -11.50
CA LEU A 180 -8.72 -9.80 -10.66
C LEU A 180 -7.86 -9.09 -9.57
N PRO A 181 -7.00 -9.76 -8.75
CA PRO A 181 -6.16 -9.00 -7.79
C PRO A 181 -5.28 -7.90 -8.42
N VAL A 182 -4.64 -8.17 -9.58
CA VAL A 182 -3.80 -7.21 -10.31
C VAL A 182 -4.63 -5.97 -10.76
N THR A 183 -5.81 -6.18 -11.36
CA THR A 183 -6.73 -5.12 -11.80
C THR A 183 -7.10 -4.25 -10.61
N VAL A 184 -7.51 -4.87 -9.49
CA VAL A 184 -7.91 -4.22 -8.25
C VAL A 184 -6.77 -3.36 -7.66
N MET A 185 -5.54 -3.91 -7.63
CA MET A 185 -4.35 -3.26 -7.10
C MET A 185 -3.84 -2.11 -7.94
N CYS A 186 -4.03 -2.19 -9.25
CA CYS A 186 -3.63 -1.16 -10.19
C CYS A 186 -4.56 0.02 -10.08
N THR A 187 -5.88 -0.27 -9.96
CA THR A 187 -6.93 0.75 -9.82
C THR A 187 -6.76 1.49 -8.48
N LEU A 188 -6.36 0.75 -7.43
CA LEU A 188 -6.07 1.27 -6.11
C LEU A 188 -4.82 2.15 -6.15
N TYR A 189 -3.76 1.70 -6.86
CA TYR A 189 -2.51 2.46 -7.01
C TYR A 189 -2.69 3.80 -7.77
N TRP A 190 -3.52 3.83 -8.85
CA TRP A 190 -3.77 5.05 -9.63
C TRP A 190 -4.48 6.09 -8.75
N ARG A 191 -5.35 5.61 -7.85
CA ARG A 191 -6.07 6.47 -6.92
C ARG A 191 -5.15 6.99 -5.81
N ILE A 192 -4.24 6.13 -5.31
CA ILE A 192 -3.28 6.47 -4.25
C ILE A 192 -2.30 7.51 -4.75
N TYR A 193 -1.78 7.35 -5.99
CA TYR A 193 -0.85 8.31 -6.57
C TYR A 193 -1.50 9.66 -6.85
N ARG A 194 -2.75 9.66 -7.36
CA ARG A 194 -3.49 10.87 -7.67
C ARG A 194 -3.83 11.64 -6.37
N GLU A 195 -4.23 10.93 -5.30
CA GLU A 195 -4.57 11.48 -4.00
C GLU A 195 -3.33 12.06 -3.32
N THR A 196 -2.21 11.28 -3.29
CA THR A 196 -0.93 11.67 -2.69
C THR A 196 -0.42 12.99 -3.26
N GLU A 197 -0.37 13.11 -4.60
CA GLU A 197 0.08 14.32 -5.27
C GLU A 197 -0.86 15.52 -5.08
N ASN A 198 -2.17 15.24 -4.91
CA ASN A 198 -3.18 16.27 -4.69
C ASN A 198 -3.06 16.85 -3.29
N ARG A 199 -2.87 15.99 -2.30
CA ARG A 199 -2.73 16.36 -0.90
C ARG A 199 -1.38 17.00 -0.60
N ALA A 200 -0.29 16.50 -1.23
CA ALA A 200 1.11 16.93 -0.97
C ALA A 200 1.27 18.41 -0.65
N ASN A 201 -0.06 18.98 -2.88
CA ASN A 201 -0.07 20.34 -3.33
C ASN A 201 -0.74 21.22 -2.32
N ILE A 202 -1.79 20.70 -1.59
CA ILE A 202 -2.48 21.47 -0.54
C ILE A 202 -1.51 21.73 0.61
N PHE A 203 -0.66 20.74 0.97
CA PHE A 203 0.35 20.87 2.02
C PHE A 203 1.38 21.93 1.70
N GLU A 204 1.89 21.94 0.46
CA GLU A 204 2.88 22.94 0.02
C GLU A 204 2.31 24.35 -0.13
N MET A 205 1.00 24.46 -0.47
CA MET A 205 0.24 25.71 -0.61
C MET A 205 0.10 26.40 0.75
N LEU A 206 -0.33 25.65 1.77
CA LEU A 206 -0.50 26.14 3.13
C LEU A 206 0.83 26.33 3.85
N ARG A 207 1.92 25.66 3.39
CA ARG A 207 3.27 25.80 3.95
C ARG A 207 3.81 27.17 3.59
N ILE A 208 3.46 27.69 2.39
CA ILE A 208 3.82 29.01 1.90
C ILE A 208 2.95 30.11 2.59
N ASP A 209 1.62 29.93 2.56
CA ASP A 209 0.61 30.87 3.08
C ASP A 209 0.49 30.94 4.60
N GLU A 210 0.24 29.81 5.27
CA GLU A 210 0.05 29.77 6.72
C GLU A 210 1.35 29.61 7.52
N GLY A 211 2.27 28.77 7.04
CA GLY A 211 3.55 28.50 7.69
C GLY A 211 3.58 27.20 8.47
N LEU A 212 4.71 26.47 8.40
CA LEU A 212 4.92 25.18 9.08
C LEU A 212 5.87 25.35 10.27
N ARG A 213 5.46 24.84 11.45
CA ARG A 213 6.25 24.90 12.66
C ARG A 213 6.49 23.49 13.22
N LEU A 214 7.75 23.09 13.31
CA LEU A 214 8.13 21.76 13.78
C LEU A 214 8.04 21.61 15.31
N LYS A 215 8.07 22.73 16.05
CA LYS A 215 8.00 22.76 17.52
C LYS A 215 6.65 23.33 18.00
N ILE A 216 6.17 22.89 19.19
CA ILE A 216 4.91 23.37 19.80
C ILE A 216 4.96 24.89 20.01
N TYR A 217 3.92 25.60 19.57
CA TYR A 217 3.78 27.05 19.69
C TYR A 217 2.36 27.43 20.14
N LYS A 218 2.16 28.67 20.59
CA LYS A 218 0.85 29.16 20.97
C LYS A 218 0.23 29.93 19.80
N ASP A 219 -1.06 29.66 19.49
CA ASP A 219 -1.79 30.37 18.42
C ASP A 219 -2.32 31.75 18.91
N THR A 220 -3.18 32.41 18.09
CA THR A 220 -3.79 33.72 18.39
C THR A 220 -4.73 33.65 19.57
N GLU A 221 -5.43 32.49 19.75
CA GLU A 221 -6.33 32.23 20.87
C GLU A 221 -5.56 31.84 22.16
N GLY A 222 -4.28 31.49 22.01
CA GLY A 222 -3.41 31.13 23.13
C GLY A 222 -3.25 29.64 23.37
N TYR A 223 -3.89 28.81 22.53
CA TYR A 223 -3.83 27.36 22.65
C TYR A 223 -2.60 26.77 21.93
N TYR A 224 -2.08 25.66 22.47
CA TYR A 224 -0.91 24.96 21.92
C TYR A 224 -1.23 24.29 20.57
N THR A 225 -0.41 24.62 19.57
CA THR A 225 -0.53 24.22 18.18
C THR A 225 0.82 23.67 17.67
N ILE A 226 0.80 22.95 16.53
CA ILE A 226 1.96 22.38 15.83
C ILE A 226 1.67 22.24 14.32
N GLY A 227 2.72 22.29 13.49
CA GLY A 227 2.61 22.18 12.04
C GLY A 227 1.91 23.36 11.39
N ILE A 228 0.87 23.05 10.60
CA ILE A 228 0.07 24.07 9.93
C ILE A 228 -1.29 24.22 10.61
N GLY A 229 -1.29 24.96 11.72
CA GLY A 229 -2.50 25.22 12.49
C GLY A 229 -3.21 24.01 13.08
N HIS A 230 -2.44 22.99 13.49
CA HIS A 230 -3.03 21.79 14.09
C HIS A 230 -3.16 21.95 15.61
N LEU A 231 -4.40 22.08 16.11
CA LEU A 231 -4.70 22.22 17.55
C LEU A 231 -4.45 20.91 18.28
N LEU A 232 -3.65 20.96 19.36
CA LEU A 232 -3.30 19.79 20.19
C LEU A 232 -4.28 19.68 21.34
N THR A 233 -4.44 20.77 22.10
CA THR A 233 -5.35 20.87 23.24
C THR A 233 -5.70 22.32 23.52
N LYS A 234 -6.84 22.52 24.19
CA LYS A 234 -7.31 23.84 24.62
C LYS A 234 -6.91 24.08 26.09
N SER A 235 -6.31 23.04 26.72
CA SER A 235 -5.86 23.08 28.11
C SER A 235 -4.63 23.98 28.28
N PRO A 236 -4.55 24.79 29.37
CA PRO A 236 -3.38 25.67 29.55
C PRO A 236 -2.18 24.94 30.18
N SER A 237 -1.65 23.89 29.48
CA SER A 237 -0.52 23.09 29.96
C SER A 237 0.35 22.62 28.82
N LEU A 238 1.68 22.74 28.98
CA LEU A 238 2.66 22.33 27.99
C LEU A 238 2.78 20.79 27.92
N ASN A 239 2.77 20.13 29.10
CA ASN A 239 2.84 18.66 29.21
C ASN A 239 1.59 17.97 28.65
N ALA A 240 0.41 18.63 28.75
CA ALA A 240 -0.86 18.13 28.22
C ALA A 240 -0.83 18.20 26.69
N ALA A 241 -0.18 19.23 26.14
CA ALA A 241 -0.01 19.42 24.71
C ALA A 241 0.97 18.39 24.18
N LYS A 242 2.00 18.05 24.99
CA LYS A 242 3.02 17.04 24.67
C LYS A 242 2.41 15.64 24.67
N SER A 243 1.54 15.34 25.66
CA SER A 243 0.85 14.05 25.81
C SER A 243 -0.09 13.82 24.63
N GLU A 244 -0.80 14.88 24.19
CA GLU A 244 -1.72 14.84 23.05
C GLU A 244 -0.97 14.71 21.70
N LEU A 245 0.28 15.21 21.65
CA LEU A 245 1.14 15.13 20.47
C LEU A 245 1.70 13.71 20.34
N ASP A 246 2.19 13.13 21.46
CA ASP A 246 2.74 11.77 21.54
C ASP A 246 1.67 10.70 21.21
N LYS A 247 0.38 11.01 21.49
CA LYS A 247 -0.81 10.19 21.25
C LYS A 247 -1.11 10.17 19.75
N ALA A 248 -1.01 11.33 19.09
CA ALA A 248 -1.28 11.51 17.67
C ALA A 248 -0.21 10.93 16.78
N ILE A 249 1.06 10.99 17.19
CA ILE A 249 2.19 10.47 16.41
C ILE A 249 2.48 8.99 16.74
N GLY A 250 2.58 8.68 18.03
CA GLY A 250 2.84 7.32 18.50
C GLY A 250 4.21 7.12 19.12
N ARG A 251 4.99 8.21 19.26
CA ARG A 251 6.33 8.20 19.86
C ARG A 251 6.55 9.40 20.78
N ASN A 252 7.55 9.31 21.69
CA ASN A 252 7.90 10.39 22.62
C ASN A 252 8.68 11.50 21.87
N THR A 253 7.92 12.45 21.29
CA THR A 253 8.41 13.58 20.47
C THR A 253 9.07 14.69 21.30
N ASN A 254 8.45 15.04 22.45
CA ASN A 254 8.87 16.08 23.41
C ASN A 254 9.00 17.48 22.75
N GLY A 255 7.90 17.93 22.16
CA GLY A 255 7.84 19.24 21.53
C GLY A 255 8.14 19.30 20.04
N VAL A 256 9.25 18.68 19.58
CA VAL A 256 9.69 18.71 18.18
C VAL A 256 9.19 17.47 17.38
N ILE A 257 8.70 17.72 16.13
CA ILE A 257 8.21 16.72 15.17
C ILE A 257 8.80 16.97 13.77
N THR A 258 8.74 15.96 12.87
CA THR A 258 9.27 16.07 11.49
C THR A 258 8.20 16.61 10.53
N LYS A 259 8.62 17.05 9.32
CA LYS A 259 7.77 17.60 8.26
C LYS A 259 6.71 16.57 7.81
N ASP A 260 7.12 15.28 7.67
CA ASP A 260 6.24 14.17 7.27
C ASP A 260 5.18 13.84 8.33
N GLU A 261 5.53 13.99 9.64
CA GLU A 261 4.61 13.79 10.76
C GLU A 261 3.62 14.96 10.80
N ALA A 262 4.07 16.17 10.44
CA ALA A 262 3.25 17.38 10.37
C ALA A 262 2.30 17.33 9.17
N GLU A 263 2.71 16.60 8.10
CA GLU A 263 1.93 16.39 6.89
C GLU A 263 0.78 15.42 7.18
N LYS A 264 1.04 14.42 8.04
CA LYS A 264 0.09 13.40 8.48
C LYS A 264 -1.05 14.07 9.26
N LEU A 265 -0.70 15.04 10.14
CA LEU A 265 -1.66 15.79 10.97
C LEU A 265 -2.44 16.76 10.11
N PHE A 266 -1.78 17.36 9.11
CA PHE A 266 -2.37 18.31 8.19
C PHE A 266 -3.44 17.64 7.32
N ASN A 267 -3.20 16.38 6.89
CA ASN A 267 -4.15 15.64 6.07
C ASN A 267 -5.41 15.24 6.82
N GLN A 268 -5.32 15.10 8.15
CA GLN A 268 -6.47 14.84 9.02
C GLN A 268 -7.30 16.14 9.08
N ASP A 269 -6.62 17.32 9.15
CA ASP A 269 -7.23 18.66 9.17
C ASP A 269 -7.88 19.00 7.83
N VAL A 270 -7.33 18.49 6.72
CA VAL A 270 -7.89 18.69 5.37
C VAL A 270 -9.21 17.91 5.28
N ASP A 271 -9.22 16.66 5.81
CA ASP A 271 -10.40 15.78 5.84
C ASP A 271 -11.50 16.37 6.72
N ALA A 272 -11.12 16.99 7.85
CA ALA A 272 -12.03 17.64 8.78
C ALA A 272 -12.63 18.90 8.14
N ALA A 273 -11.83 19.64 7.34
CA ALA A 273 -12.23 20.84 6.60
C ALA A 273 -13.23 20.50 5.48
N VAL A 274 -12.94 19.44 4.68
CA VAL A 274 -13.78 18.94 3.58
C VAL A 274 -15.11 18.35 4.13
N ARG A 275 -15.08 17.79 5.36
CA ARG A 275 -16.27 17.25 6.03
C ARG A 275 -17.24 18.39 6.35
N GLY A 276 -16.70 19.52 6.81
CA GLY A 276 -17.44 20.72 7.13
C GLY A 276 -18.04 21.42 5.93
N ILE A 277 -17.26 21.52 4.82
CA ILE A 277 -17.67 22.11 3.55
C ILE A 277 -18.89 21.40 2.96
N LEU A 278 -18.86 20.05 2.93
CA LEU A 278 -19.95 19.22 2.41
C LEU A 278 -21.20 19.24 3.31
N ARG A 279 -21.00 19.48 4.63
CA ARG A 279 -22.08 19.58 5.63
C ARG A 279 -22.67 21.01 5.67
N ASN A 280 -22.00 21.97 5.00
CA ASN A 280 -22.43 23.37 4.89
C ASN A 280 -23.18 23.56 3.55
N ALA A 281 -24.49 23.90 3.63
CA ALA A 281 -25.37 24.06 2.46
C ALA A 281 -24.99 25.18 1.51
N LYS A 282 -24.21 26.15 1.99
CA LYS A 282 -23.76 27.30 1.21
C LYS A 282 -22.41 27.08 0.51
N LEU A 283 -21.61 26.09 0.97
CA LEU A 283 -20.29 25.76 0.42
C LEU A 283 -20.23 24.44 -0.37
N LYS A 284 -21.25 23.58 -0.21
CA LYS A 284 -21.34 22.29 -0.90
C LYS A 284 -21.52 22.42 -2.43
N PRO A 285 -22.44 23.26 -2.99
CA PRO A 285 -22.60 23.30 -4.47
C PRO A 285 -21.38 23.82 -5.21
N VAL A 286 -20.67 24.81 -4.62
CA VAL A 286 -19.47 25.39 -5.22
C VAL A 286 -18.28 24.39 -5.17
N TYR A 287 -18.07 23.67 -4.04
CA TYR A 287 -16.99 22.68 -3.89
C TYR A 287 -17.10 21.52 -4.90
N ASP A 288 -18.33 20.98 -5.12
CA ASP A 288 -18.61 19.89 -6.07
C ASP A 288 -18.29 20.32 -7.52
N SER A 289 -18.50 21.61 -7.84
CA SER A 289 -18.30 22.17 -9.17
C SER A 289 -16.85 22.52 -9.48
N LEU A 290 -16.04 22.84 -8.45
CA LEU A 290 -14.65 23.21 -8.65
C LEU A 290 -13.73 22.00 -8.90
N ASP A 291 -12.63 22.22 -9.64
CA ASP A 291 -11.60 21.21 -9.94
C ASP A 291 -10.63 21.10 -8.75
N ALA A 292 -9.76 20.08 -8.74
CA ALA A 292 -8.81 19.79 -7.68
C ALA A 292 -7.97 20.95 -7.20
N VAL A 293 -7.52 21.83 -8.14
CA VAL A 293 -6.71 23.01 -7.84
C VAL A 293 -7.56 24.08 -7.13
N ARG A 294 -8.74 24.42 -7.71
CA ARG A 294 -9.66 25.43 -7.17
C ARG A 294 -10.33 25.02 -5.86
N ARG A 295 -10.42 23.71 -5.60
CA ARG A 295 -10.97 23.14 -4.37
C ARG A 295 -10.02 23.43 -3.24
N ALA A 296 -8.70 23.30 -3.50
CA ALA A 296 -7.61 23.56 -2.55
C ALA A 296 -7.56 25.02 -2.14
N ALA A 297 -7.92 25.94 -3.07
CA ALA A 297 -7.95 27.39 -2.78
C ALA A 297 -9.10 27.72 -1.84
N LEU A 298 -10.21 26.96 -1.94
CA LEU A 298 -11.39 27.07 -1.09
C LEU A 298 -11.06 26.53 0.31
N ILE A 299 -10.35 25.38 0.37
CA ILE A 299 -9.89 24.73 1.61
C ILE A 299 -8.90 25.69 2.32
N ASN A 300 -8.01 26.36 1.55
CA ASN A 300 -7.05 27.36 2.05
C ASN A 300 -7.78 28.48 2.81
N MET A 301 -8.92 28.97 2.25
CA MET A 301 -9.78 30.01 2.82
C MET A 301 -10.47 29.53 4.09
N VAL A 302 -10.84 28.24 4.14
CA VAL A 302 -11.50 27.61 5.29
C VAL A 302 -10.50 27.49 6.47
N PHE A 303 -9.23 27.18 6.17
CA PHE A 303 -8.15 27.07 7.16
C PHE A 303 -7.80 28.45 7.79
N GLN A 304 -8.01 29.56 7.05
CA GLN A 304 -7.73 30.92 7.53
C GLN A 304 -8.91 31.57 8.22
N MET A 305 -10.08 31.66 7.54
CA MET A 305 -11.29 32.32 8.02
C MET A 305 -12.25 31.43 8.83
N GLY A 306 -12.47 30.21 8.35
CA GLY A 306 -13.40 29.27 8.97
C GLY A 306 -14.52 28.91 8.03
N GLU A 307 -15.44 28.07 8.49
CA GLU A 307 -16.59 27.62 7.71
C GLU A 307 -17.56 28.75 7.34
N THR A 308 -18.07 29.49 8.36
CA THR A 308 -19.02 30.59 8.19
C THR A 308 -18.44 31.81 7.46
N GLY A 309 -17.13 32.05 7.61
CA GLY A 309 -16.39 33.15 6.98
C GLY A 309 -16.40 33.10 5.46
N VAL A 310 -16.04 31.93 4.90
CA VAL A 310 -16.02 31.67 3.44
C VAL A 310 -17.47 31.71 2.89
N ALA A 311 -18.44 31.23 3.70
CA ALA A 311 -19.88 31.24 3.40
C ALA A 311 -20.46 32.66 3.29
N GLY A 312 -19.72 33.63 3.85
CA GLY A 312 -20.08 35.04 3.80
C GLY A 312 -19.93 35.65 2.42
N PHE A 313 -19.13 34.99 1.56
CA PHE A 313 -18.87 35.41 0.18
C PHE A 313 -19.94 34.86 -0.77
N THR A 314 -21.24 35.12 -0.48
CA THR A 314 -22.42 34.68 -1.25
C THR A 314 -22.29 34.98 -2.76
N ASN A 315 -21.86 36.21 -3.09
CA ASN A 315 -21.67 36.69 -4.45
C ASN A 315 -20.53 35.95 -5.17
N SER A 316 -19.38 35.82 -4.50
CA SER A 316 -18.16 35.18 -5.00
C SER A 316 -18.33 33.70 -5.27
N LEU A 317 -18.98 32.95 -4.32
CA LEU A 317 -19.22 31.50 -4.42
C LEU A 317 -20.12 31.15 -5.59
N ARG A 318 -21.11 32.01 -5.89
CA ARG A 318 -22.08 31.85 -6.98
C ARG A 318 -21.40 31.96 -8.36
N MET A 319 -20.38 32.83 -8.49
CA MET A 319 -19.66 33.04 -9.75
C MET A 319 -18.60 31.97 -10.01
N LEU A 320 -18.08 31.34 -8.94
CA LEU A 320 -17.09 30.26 -9.01
C LEU A 320 -17.74 28.95 -9.54
N GLN A 321 -19.00 28.66 -9.10
CA GLN A 321 -19.76 27.49 -9.54
C GLN A 321 -20.33 27.73 -10.94
N GLN A 322 -20.35 29.00 -11.39
CA GLN A 322 -20.82 29.40 -12.71
C GLN A 322 -19.67 29.45 -13.71
N LYS A 323 -18.43 29.12 -13.26
CA LYS A 323 -17.18 29.10 -14.02
C LYS A 323 -16.78 30.50 -14.57
N ARG A 324 -17.26 31.56 -13.89
CA ARG A 324 -16.97 32.96 -14.22
C ARG A 324 -15.92 33.39 -13.18
N TRP A 325 -14.66 32.95 -13.39
CA TRP A 325 -13.54 33.15 -12.48
C TRP A 325 -13.02 34.58 -12.42
N ASP A 326 -13.09 35.33 -13.54
CA ASP A 326 -12.67 36.74 -13.56
C ASP A 326 -13.61 37.62 -12.74
N GLU A 327 -14.91 37.29 -12.76
CA GLU A 327 -15.99 37.97 -12.03
C GLU A 327 -15.87 37.75 -10.53
N ALA A 328 -15.63 36.47 -10.08
CA ALA A 328 -15.48 36.12 -8.66
C ALA A 328 -14.22 36.70 -8.03
N ALA A 329 -13.16 36.87 -8.83
CA ALA A 329 -11.87 37.43 -8.43
C ALA A 329 -11.99 38.90 -7.99
N VAL A 330 -12.90 39.66 -8.62
CA VAL A 330 -13.18 41.07 -8.32
C VAL A 330 -13.87 41.19 -6.96
N ASN A 331 -14.87 40.30 -6.70
CA ASN A 331 -15.63 40.25 -5.44
C ASN A 331 -14.81 39.76 -4.27
N LEU A 332 -13.86 38.83 -4.51
CA LEU A 332 -12.99 38.29 -3.46
C LEU A 332 -11.92 39.29 -3.02
N ALA A 333 -11.39 40.10 -3.96
CA ALA A 333 -10.38 41.12 -3.68
C ALA A 333 -10.96 42.30 -2.94
N LYS A 334 -12.26 42.60 -3.14
CA LYS A 334 -12.97 43.71 -2.50
C LYS A 334 -13.56 43.23 -1.16
N SER A 335 -12.67 42.90 -0.20
CA SER A 335 -13.03 42.38 1.12
C SER A 335 -11.98 42.65 2.20
N ARG A 336 -12.40 42.56 3.48
CA ARG A 336 -11.56 42.71 4.68
C ARG A 336 -10.42 41.69 4.71
N TRP A 337 -10.65 40.50 4.12
CA TRP A 337 -9.69 39.40 3.99
C TRP A 337 -8.46 39.83 3.17
N TYR A 338 -8.68 40.46 2.00
CA TYR A 338 -7.60 40.93 1.15
C TYR A 338 -6.79 42.00 1.85
N ASN A 339 -7.48 42.93 2.58
CA ASN A 339 -6.82 44.00 3.30
C ASN A 339 -5.92 43.53 4.48
N GLN A 340 -6.31 42.42 5.16
CA GLN A 340 -5.58 41.82 6.29
C GLN A 340 -4.34 41.04 5.82
N THR A 341 -4.51 40.11 4.85
CA THR A 341 -3.41 39.31 4.27
C THR A 341 -3.35 39.52 2.75
N PRO A 342 -2.82 40.67 2.25
CA PRO A 342 -2.82 40.92 0.79
C PRO A 342 -2.04 39.91 -0.05
N ASN A 343 -0.86 39.47 0.40
CA ASN A 343 0.00 38.51 -0.31
C ASN A 343 -0.60 37.14 -0.42
N ARG A 344 -1.24 36.67 0.66
CA ARG A 344 -1.89 35.38 0.68
C ARG A 344 -3.17 35.42 -0.15
N ALA A 345 -4.03 36.45 0.04
CA ALA A 345 -5.28 36.61 -0.69
C ALA A 345 -5.09 36.67 -2.20
N LYS A 346 -4.08 37.45 -2.69
CA LYS A 346 -3.77 37.53 -4.12
C LYS A 346 -3.42 36.15 -4.71
N ARG A 347 -2.59 35.36 -3.99
CA ARG A 347 -2.18 34.01 -4.40
C ARG A 347 -3.37 33.07 -4.50
N VAL A 348 -4.30 33.15 -3.53
CA VAL A 348 -5.51 32.33 -3.49
C VAL A 348 -6.47 32.75 -4.60
N ILE A 349 -6.65 34.08 -4.79
CA ILE A 349 -7.54 34.62 -5.84
C ILE A 349 -7.03 34.28 -7.24
N THR A 350 -5.69 34.28 -7.44
CA THR A 350 -5.06 33.93 -8.72
C THR A 350 -5.30 32.46 -9.00
N THR A 351 -5.26 31.61 -7.95
CA THR A 351 -5.51 30.16 -8.04
C THR A 351 -6.95 29.92 -8.54
N PHE A 352 -7.93 30.70 -8.06
CA PHE A 352 -9.33 30.64 -8.51
C PHE A 352 -9.49 31.16 -9.95
N ARG A 353 -8.69 32.14 -10.34
CA ARG A 353 -8.72 32.77 -11.64
C ARG A 353 -8.15 31.84 -12.73
N THR A 354 -6.92 31.33 -12.52
CA THR A 354 -6.22 30.47 -13.48
C THR A 354 -6.53 28.98 -13.35
N GLY A 355 -6.69 28.49 -12.12
CA GLY A 355 -6.94 27.07 -11.84
C GLY A 355 -5.68 26.23 -11.93
N THR A 356 -4.50 26.90 -11.78
CA THR A 356 -3.16 26.31 -11.84
C THR A 356 -2.32 26.76 -10.64
N TRP A 357 -1.17 26.11 -10.42
CA TRP A 357 -0.23 26.42 -9.34
C TRP A 357 0.88 27.39 -9.82
N ASP A 358 0.49 28.51 -10.43
CA ASP A 358 1.43 29.51 -10.95
C ASP A 358 1.77 30.59 -9.93
N ALA A 359 0.87 30.81 -8.94
CA ALA A 359 1.03 31.79 -7.87
C ALA A 359 2.03 31.28 -6.81
N TYR A 360 2.28 29.96 -6.77
CA TYR A 360 3.11 29.36 -5.73
C TYR A 360 4.47 28.75 -6.14
N THR A 361 4.65 28.35 -7.41
CA THR A 361 5.90 27.71 -7.90
C THR A 361 6.10 26.36 -7.19
N PHE A 362 5.50 25.29 -7.73
CA PHE A 362 5.51 23.98 -7.09
C PHE A 362 6.51 22.97 -7.66
N SER A 363 7.05 22.12 -6.77
CA SER A 363 8.00 21.06 -7.10
C SER A 363 7.25 19.78 -7.53
N LEU A 364 7.98 18.86 -8.18
CA LEU A 364 7.43 17.59 -8.63
C LEU A 364 7.04 16.68 -7.46
N VAL A 365 6.39 15.55 -7.78
CA VAL A 365 5.93 14.53 -6.86
C VAL A 365 7.08 13.92 -6.03
N LYS A 366 6.98 14.05 -4.70
CA LYS A 366 7.95 13.47 -3.79
C LYS A 366 7.42 12.06 -3.50
N GLU A 367 7.96 11.06 -4.21
CA GLU A 367 7.54 9.67 -4.07
C GLU A 367 8.11 9.07 -2.80
N LYS A 368 7.28 9.07 -1.71
CA LYS A 368 7.66 8.57 -0.39
C LYS A 368 7.91 7.07 -0.44
N ALA A 369 8.83 6.57 0.44
CA ALA A 369 9.23 5.14 0.56
C ALA A 369 8.05 4.14 0.47
N ALA A 370 6.92 4.44 1.13
CA ALA A 370 5.69 3.65 1.14
C ALA A 370 5.06 3.52 -0.27
N LEU A 371 5.02 4.61 -1.03
CA LEU A 371 4.49 4.67 -2.39
C LEU A 371 5.38 3.89 -3.35
N ARG A 372 6.73 4.04 -3.21
CA ARG A 372 7.72 3.36 -4.03
C ARG A 372 7.74 1.85 -3.76
N THR A 373 7.57 1.42 -2.49
CA THR A 373 7.54 0.00 -2.10
C THR A 373 6.32 -0.68 -2.71
N LEU A 374 5.14 -0.05 -2.62
CA LEU A 374 3.87 -0.58 -3.13
C LEU A 374 3.94 -0.84 -4.63
N SER A 375 4.52 0.12 -5.37
CA SER A 375 4.73 0.05 -6.80
C SER A 375 5.71 -1.06 -7.13
N ALA A 376 6.83 -1.16 -6.37
CA ALA A 376 7.85 -2.21 -6.57
C ALA A 376 7.34 -3.64 -6.27
N ILE A 377 6.57 -3.84 -5.16
CA ILE A 377 6.01 -5.16 -4.80
C ILE A 377 4.87 -5.56 -5.76
N LEU A 378 4.14 -4.58 -6.34
CA LEU A 378 3.06 -4.83 -7.30
C LEU A 378 3.68 -5.19 -8.64
N LEU A 379 4.74 -4.49 -9.07
CA LEU A 379 5.44 -4.79 -10.32
C LEU A 379 6.15 -6.15 -10.20
N ALA A 380 6.62 -6.50 -8.96
CA ALA A 380 7.30 -7.75 -8.67
C ALA A 380 6.36 -8.89 -8.89
N PHE A 381 5.09 -8.72 -8.46
CA PHE A 381 4.01 -9.70 -8.61
C PHE A 381 3.62 -9.88 -10.09
N ILE A 382 3.44 -8.78 -10.84
CA ILE A 382 3.12 -8.81 -12.29
C ILE A 382 4.25 -9.51 -13.09
N LEU A 383 5.52 -9.10 -12.89
CA LEU A 383 6.71 -9.65 -13.54
C LEU A 383 6.88 -11.18 -13.38
N THR A 384 6.78 -11.68 -12.13
CA THR A 384 7.02 -13.10 -11.80
C THR A 384 5.85 -14.05 -12.07
N TRP A 385 4.61 -13.55 -12.07
CA TRP A 385 3.42 -14.38 -12.28
C TRP A 385 2.85 -14.31 -13.67
N THR A 386 3.33 -13.37 -14.50
CA THR A 386 2.90 -13.21 -15.90
C THR A 386 3.27 -14.46 -16.73
N PRO A 387 4.52 -15.00 -16.71
CA PRO A 387 4.80 -16.18 -17.56
C PRO A 387 3.81 -17.35 -17.39
N TYR A 388 3.51 -17.74 -16.13
CA TYR A 388 2.58 -18.83 -15.85
C TYR A 388 1.18 -18.50 -16.30
N ASN A 389 0.71 -17.26 -16.05
CA ASN A 389 -0.63 -16.85 -16.43
C ASN A 389 -0.84 -16.72 -17.94
N ILE A 390 0.26 -16.48 -18.70
CA ILE A 390 0.21 -16.42 -20.17
C ILE A 390 0.11 -17.84 -20.68
N MET A 391 0.82 -18.79 -20.00
CA MET A 391 0.80 -20.22 -20.30
C MET A 391 -0.58 -20.78 -20.07
N VAL A 392 -1.31 -20.30 -19.04
CA VAL A 392 -2.69 -20.69 -18.71
C VAL A 392 -3.65 -20.20 -19.82
N LEU A 393 -3.41 -19.00 -20.33
CA LEU A 393 -4.19 -18.35 -21.36
C LEU A 393 -4.03 -19.07 -22.70
N VAL A 394 -2.79 -19.44 -23.07
CA VAL A 394 -2.56 -20.18 -24.33
C VAL A 394 -3.02 -21.66 -24.21
N SER A 395 -3.04 -22.23 -22.98
CA SER A 395 -3.51 -23.57 -22.62
C SER A 395 -4.99 -23.75 -22.93
N THR A 396 -5.79 -22.68 -22.78
CA THR A 396 -7.25 -22.72 -23.01
C THR A 396 -7.58 -22.82 -24.51
N PHE A 397 -6.86 -22.06 -25.36
CA PHE A 397 -7.07 -22.04 -26.81
C PHE A 397 -6.23 -23.09 -27.56
N CYS A 398 -5.19 -23.62 -26.90
CA CYS A 398 -4.25 -24.59 -27.44
C CYS A 398 -4.16 -25.80 -26.50
N LYS A 399 -4.80 -26.93 -26.85
CA LYS A 399 -4.77 -28.12 -25.98
C LYS A 399 -3.43 -28.87 -26.05
N ASP A 400 -2.79 -28.98 -24.85
CA ASP A 400 -1.50 -29.63 -24.56
C ASP A 400 -0.34 -28.99 -25.35
N CYS A 401 -0.46 -27.68 -25.61
CA CYS A 401 0.53 -26.91 -26.33
C CYS A 401 1.70 -26.55 -25.47
N VAL A 402 1.43 -26.22 -24.21
CA VAL A 402 2.47 -25.87 -23.24
C VAL A 402 3.21 -27.16 -22.75
N PRO A 403 4.54 -27.27 -23.02
CA PRO A 403 5.29 -28.45 -22.56
C PRO A 403 5.53 -28.49 -21.06
N GLU A 404 5.82 -29.71 -20.56
CA GLU A 404 6.12 -30.02 -19.16
C GLU A 404 7.21 -29.09 -18.63
N THR A 405 8.29 -28.88 -19.40
CA THR A 405 9.44 -28.02 -19.09
C THR A 405 9.04 -26.54 -18.87
N LEU A 406 8.17 -25.99 -19.75
CA LEU A 406 7.65 -24.62 -19.63
C LEU A 406 6.85 -24.40 -18.35
N TRP A 407 5.95 -25.36 -18.01
CA TRP A 407 5.15 -25.30 -16.77
C TRP A 407 6.04 -25.27 -15.55
N GLU A 408 7.12 -26.09 -15.55
CA GLU A 408 8.13 -26.18 -14.48
C GLU A 408 8.86 -24.83 -14.27
N LEU A 409 9.20 -24.13 -15.37
CA LEU A 409 9.86 -22.84 -15.34
C LEU A 409 8.89 -21.71 -14.94
N GLY A 410 7.65 -21.81 -15.41
CA GLY A 410 6.58 -20.87 -15.06
C GLY A 410 6.23 -20.95 -13.59
N TYR A 411 6.29 -22.17 -13.03
CA TYR A 411 6.05 -22.43 -11.60
C TYR A 411 7.17 -21.83 -10.77
N TRP A 412 8.41 -22.03 -11.22
CA TRP A 412 9.61 -21.51 -10.57
C TRP A 412 9.69 -20.00 -10.57
N LEU A 413 9.22 -19.35 -11.67
CA LEU A 413 9.15 -17.89 -11.79
C LEU A 413 8.17 -17.28 -10.76
N CYS A 414 7.05 -17.98 -10.46
CA CYS A 414 6.08 -17.57 -9.43
C CYS A 414 6.75 -17.54 -8.06
N TYR A 415 7.65 -18.51 -7.79
CA TYR A 415 8.38 -18.62 -6.53
C TYR A 415 9.41 -17.51 -6.40
N VAL A 416 9.96 -17.01 -7.53
CA VAL A 416 10.96 -15.93 -7.55
C VAL A 416 10.39 -14.64 -6.92
N ASN A 417 9.03 -14.50 -6.89
CA ASN A 417 8.33 -13.35 -6.30
C ASN A 417 8.68 -13.25 -4.82
N ALA A 418 8.82 -14.41 -4.16
CA ALA A 418 9.21 -14.53 -2.76
C ALA A 418 10.68 -14.11 -2.52
N THR A 419 11.54 -14.26 -3.55
CA THR A 419 12.96 -13.92 -3.48
C THR A 419 13.15 -12.40 -3.64
N ILE A 420 12.39 -11.78 -4.56
CA ILE A 420 12.56 -10.37 -4.89
C ILE A 420 11.72 -9.45 -3.98
N ASN A 421 10.73 -9.99 -3.23
CA ASN A 421 9.90 -9.15 -2.33
C ASN A 421 10.70 -8.46 -1.21
N PRO A 422 11.64 -9.13 -0.49
CA PRO A 422 12.41 -8.39 0.54
C PRO A 422 13.40 -7.41 -0.07
N MET A 423 13.80 -7.63 -1.35
CA MET A 423 14.71 -6.78 -2.10
C MET A 423 14.03 -5.44 -2.41
N CYS A 424 12.71 -5.47 -2.68
CA CYS A 424 11.86 -4.30 -2.94
C CYS A 424 11.85 -3.35 -1.75
N TYR A 425 11.70 -3.90 -0.50
CA TYR A 425 11.70 -3.17 0.78
C TYR A 425 13.06 -2.53 1.06
N ALA A 426 14.15 -3.27 0.79
CA ALA A 426 15.53 -2.81 0.96
C ALA A 426 15.87 -1.68 -0.02
N LEU A 427 15.44 -1.80 -1.30
CA LEU A 427 15.68 -0.81 -2.35
C LEU A 427 14.85 0.47 -2.22
N CYS A 428 13.69 0.40 -1.53
CA CYS A 428 12.78 1.54 -1.40
C CYS A 428 12.80 2.21 -0.03
N ASN A 429 13.05 1.46 1.06
CA ASN A 429 13.08 1.97 2.44
C ASN A 429 14.50 1.93 3.02
N LYS A 430 15.06 3.12 3.36
CA LYS A 430 16.42 3.26 3.95
C LYS A 430 16.49 2.58 5.34
N ALA A 431 15.43 2.67 6.16
CA ALA A 431 15.37 2.03 7.48
C ALA A 431 15.44 0.48 7.37
N PHE A 432 14.91 -0.13 6.28
CA PHE A 432 14.99 -1.59 6.07
C PHE A 432 16.37 -2.01 5.62
N ARG A 433 16.94 -1.29 4.62
CA ARG A 433 18.26 -1.49 4.03
C ARG A 433 19.35 -1.54 5.09
N ASP A 434 19.39 -0.52 5.99
CA ASP A 434 20.35 -0.39 7.10
C ASP A 434 20.18 -1.52 8.12
N THR A 435 18.92 -1.92 8.44
CA THR A 435 18.65 -2.98 9.40
C THR A 435 19.06 -4.33 8.82
N PHE A 436 18.88 -4.53 7.50
CA PHE A 436 19.26 -5.75 6.78
C PHE A 436 20.77 -5.92 6.91
N ARG A 437 21.54 -4.82 6.62
CA ARG A 437 23.01 -4.74 6.72
C ARG A 437 23.45 -4.98 8.17
N LEU A 438 22.73 -4.38 9.12
CA LEU A 438 23.01 -4.47 10.55
C LEU A 438 22.89 -5.89 11.07
N LEU A 439 21.81 -6.59 10.69
CA LEU A 439 21.56 -7.96 11.12
C LEU A 439 22.53 -8.94 10.46
N LEU A 440 22.92 -8.70 9.18
CA LEU A 440 23.84 -9.56 8.44
C LEU A 440 25.26 -9.48 9.01
N LEU A 441 25.71 -8.26 9.37
CA LEU A 441 27.03 -8.02 9.94
C LEU A 441 27.09 -8.54 11.37
N ALA A 442 25.93 -8.54 12.07
CA ALA A 442 25.81 -9.04 13.44
C ALA A 442 25.82 -10.56 13.46
N ARG A 443 25.34 -11.23 12.39
CA ARG A 443 25.32 -12.69 12.28
C ARG A 443 26.71 -13.24 11.94
N TRP A 444 27.47 -12.52 11.12
CA TRP A 444 28.85 -12.86 10.73
C TRP A 444 29.78 -12.76 11.96
N ASP A 445 29.50 -11.78 12.85
CA ASP A 445 30.16 -11.53 14.13
C ASP A 445 29.63 -12.61 15.09
N HIS A 446 30.54 -13.44 15.63
CA HIS A 446 30.15 -14.57 16.47
C HIS A 446 29.79 -14.18 17.89
N1 QK2 B . 3.87 -30.72 -8.04
N3 QK2 B . 2.41 -24.35 -7.45
C4 QK2 B . 5.55 -30.42 -4.70
C5 QK2 B . 5.13 -31.09 -5.84
C6 QK2 B . 4.43 -30.38 -6.82
C7 QK2 B . 3.27 -29.65 -8.62
C8 QK2 B . 3.01 -27.18 -8.05
C10 QK2 B . 1.32 -25.40 -7.55
C13 QK2 B . 1.97 -22.99 -7.84
C15 QK2 B . 1.45 -20.64 -7.15
C17 QK2 B . 0.76 -22.87 -8.77
C1 QK2 B . 4.19 -29.01 -6.65
C11 QK2 B . 3.62 -24.74 -8.25
C12 QK2 B . 4.12 -26.14 -7.92
C14 QK2 B . 1.87 -22.01 -6.68
C16 QK2 B . 0.38 -21.44 -9.07
C18 QK2 B . 5.75 -28.37 -3.27
C2 QK2 B . 4.61 -28.35 -5.52
C3 QK2 B . 5.28 -29.06 -4.52
C9 QK2 B . 1.79 -26.81 -7.21
F1 QK2 B . 5.38 -32.40 -5.97
N2 QK2 B . 3.49 -28.56 -7.78
O1 QK2 B . 0.22 -20.70 -7.85
O2 QK2 B . 2.65 -29.63 -9.69
N1 EPE C . -0.15 -29.33 -15.03
C2 EPE C . 0.24 -27.93 -15.29
C3 EPE C . -0.98 -27.02 -15.26
N4 EPE C . -1.89 -27.38 -16.38
C5 EPE C . -2.14 -28.83 -16.54
C6 EPE C . -1.53 -29.69 -15.43
C7 EPE C . -3.15 -26.66 -16.22
C8 EPE C . -3.56 -25.97 -17.53
O8 EPE C . -4.51 -26.80 -18.22
C9 EPE C . 0.83 -30.23 -15.67
C10 EPE C . 1.27 -31.31 -14.67
S EPE C . 1.33 -32.82 -15.39
O1S EPE C . 1.92 -33.79 -14.45
O2S EPE C . 2.17 -32.75 -16.61
O3S EPE C . -0.04 -33.27 -15.75
C1 OLA D . 5.87 -7.19 15.35
O1 OLA D . 5.79 -5.97 15.12
O2 OLA D . 6.27 -7.67 16.44
C2 OLA D . 5.46 -8.17 14.26
C3 OLA D . 4.01 -8.53 14.28
C4 OLA D . 3.73 -9.86 13.60
C5 OLA D . 2.39 -9.91 12.89
C6 OLA D . 2.26 -11.03 11.88
C7 OLA D . 1.83 -12.38 12.47
C8 OLA D . 2.09 -13.55 11.59
C9 OLA D . 0.89 -13.97 10.79
C10 OLA D . 0.46 -15.18 10.64
C11 OLA D . 0.92 -16.14 9.58
C12 OLA D . 0.15 -17.41 9.52
C13 OLA D . 0.93 -18.64 9.95
C14 OLA D . 1.52 -19.44 8.82
C15 OLA D . 2.32 -20.64 9.27
C16 OLA D . 2.32 -21.81 8.29
C17 OLA D . 3.41 -22.82 8.52
C18 OLA D . 3.09 -24.19 7.95
C1 OLA E . -2.27 -13.35 13.45
O1 OLA E . -2.92 -12.65 12.66
O2 OLA E . -1.69 -12.89 14.47
C2 OLA E . -2.12 -14.84 13.14
C3 OLA E . -3.40 -15.62 13.22
C4 OLA E . -3.24 -17.05 12.74
C5 OLA E . -4.28 -17.48 11.74
C6 OLA E . -3.73 -18.23 10.55
C7 OLA E . -4.75 -19.13 9.84
C8 OLA E . -4.30 -20.55 9.70
C9 OLA E . -4.54 -21.10 8.32
C10 OLA E . -3.75 -21.94 7.67
C11 OLA E . -2.35 -21.69 7.22
C12 OLA E . -1.85 -22.73 6.28
C13 OLA E . -0.62 -23.49 6.76
C14 OLA E . -0.85 -24.98 6.99
C15 OLA E . -0.98 -25.82 5.72
C16 OLA E . -1.57 -27.20 5.94
C17 OLA E . -2.38 -27.81 4.83
C18 OLA E . -3.13 -29.05 5.25
C1 OLA F . 13.60 -30.96 -17.42
O1 OLA F . 12.93 -31.69 -16.65
O2 OLA F . 14.38 -31.41 -18.29
C2 OLA F . 13.44 -29.45 -17.30
C3 OLA F . 14.31 -28.77 -16.28
C4 OLA F . 13.84 -27.37 -15.94
C5 OLA F . 13.68 -27.08 -14.46
C6 OLA F . 14.73 -26.16 -13.88
C7 OLA F . 14.23 -25.16 -12.85
C8 OLA F . 15.29 -24.55 -11.99
C9 OLA F . 14.85 -23.31 -11.28
C10 OLA F . 15.23 -22.08 -11.52
C11 OLA F . 14.86 -21.23 -12.69
C12 OLA F . 13.89 -20.13 -12.38
C13 OLA F . 13.03 -19.69 -13.54
C1 OLA G . 1.00 -43.91 -3.74
O1 OLA G . 1.87 -44.53 -4.41
O2 OLA G . 0.01 -43.35 -4.27
C2 OLA G . 1.20 -43.81 -2.23
C3 OLA G . -0.01 -43.94 -1.34
C4 OLA G . 0.02 -43.07 -0.10
C5 OLA G . 0.82 -43.58 1.07
C6 OLA G . 0.88 -42.63 2.24
C7 OLA G . 2.11 -41.76 2.29
C8 OLA G . 1.98 -40.52 3.12
C9 OLA G . 3.19 -40.18 3.93
C10 OLA G . 3.22 -39.43 5.01
C11 OLA G . 2.92 -37.96 5.10
C12 OLA G . 2.81 -37.44 6.50
C13 OLA G . 2.91 -35.93 6.63
C14 OLA G . 2.36 -35.36 7.93
C15 OLA G . 1.99 -33.90 7.86
C16 OLA G . 0.89 -33.47 8.81
C17 OLA G . 1.18 -32.23 9.62
C18 OLA G . -0.03 -31.41 10.00
C1 OLA H . 10.14 -36.72 -3.54
O1 OLA H . 8.99 -36.85 -3.11
O2 OLA H . 10.42 -36.53 -4.74
C2 OLA H . 11.30 -36.81 -2.55
C3 OLA H . 11.40 -35.68 -1.56
C4 OLA H . 12.41 -35.98 -0.47
C5 OLA H . 12.36 -35.01 0.68
C6 OLA H . 11.52 -35.46 1.86
C7 OLA H . 10.96 -34.32 2.71
C8 OLA H . 9.72 -34.66 3.48
C9 OLA H . 8.54 -33.81 3.12
C10 OLA H . 7.29 -34.12 3.33
C11 OLA H . 6.11 -33.27 2.95
C12 OLA H . 4.81 -33.81 3.45
C13 OLA H . 3.68 -32.80 3.41
C14 OLA H . 3.38 -32.16 4.75
C15 OLA H . 3.31 -30.65 4.73
C16 OLA H . 1.89 -30.09 4.69
C17 OLA H . 1.41 -29.44 5.97
C18 OLA H . 0.23 -30.15 6.61
C1 OLA I . 10.99 -32.00 -24.32
O1 OLA I . 11.62 -32.52 -25.26
O2 OLA I . 9.83 -31.55 -24.43
C2 OLA I . 11.65 -31.93 -22.93
C3 OLA I . 13.11 -31.63 -22.91
C4 OLA I . 13.54 -30.85 -21.69
C5 OLA I . 14.91 -30.21 -21.80
C6 OLA I . 15.21 -29.16 -20.76
C7 OLA I . 15.19 -27.72 -21.27
C8 OLA I . 16.18 -26.81 -20.63
C9 OLA I . 15.56 -25.60 -20.01
C10 OLA I . 16.16 -24.78 -19.16
C11 OLA I . 16.27 -24.96 -17.68
C12 OLA I . 17.36 -24.14 -17.05
C13 OLA I . 17.00 -23.52 -15.71
C14 OLA I . 18.10 -22.67 -15.09
C15 OLA I . 18.07 -21.21 -15.51
C16 OLA I . 19.15 -20.35 -14.90
C17 OLA I . 18.84 -18.88 -14.80
C18 OLA I . 19.05 -18.27 -13.43
P PO4 J . -13.06 10.80 6.03
O1 PO4 J . -13.47 11.98 6.91
O2 PO4 J . -11.79 10.18 6.58
O3 PO4 J . -12.82 11.29 4.60
O4 PO4 J . -14.19 9.77 6.03
#